data_5VBG
#
_entry.id   5VBG
#
_cell.length_a   67.458
_cell.length_b   69.344
_cell.length_c   73.577
_cell.angle_alpha   90.000
_cell.angle_beta   110.180
_cell.angle_gamma   90.000
#
_symmetry.space_group_name_H-M   'P 1 21 1'
#
loop_
_entity.id
_entity.type
_entity.pdbx_description
1 polymer 'Penicillin-binding protein activator LpoA'
2 non-polymer 'CHLORIDE ION'
3 water water
#
_entity_poly.entity_id   1
_entity_poly.type   'polypeptide(L)'
_entity_poly.pdbx_seq_one_letter_code
;NFTQTLQKDANASSEFYINKLGQTQELEDQQTYKLLAARVLIRENKVEQSAALLRELGELNDAQKLDRALIEARISAAKN
ANEVAQNQLRALDLNKLSPSQKSRYYETLAIVAENRKD(MSE)IEAVKARIE(MSE)DKNLTDVQRHQDNIDKTWALLRS
ANTGVINNASDEGNAALGGWLTLIKAYNDYIRQPVQLSQALQSWKNAYPNHAAATLFPKELLTLLNFQQTNVSQIGLLLP
LSGDGQILGTTIQSGFNDAKGNSTIPVQVFDTS(MSE)NSVQDIIAQAKQAGIKTLVGPLLKQNLDVILADPAQIQG
(MSE)DVLALNATPNSRAIPQLCYYGLSPEDEAESAANK(MSE)WNDGVRNPLVA(MSE)PQNDLGQRVGNAFNVRWQQL
AGTDANIRYYNLPADVTYFVQENNSNTTALYAVASPTELAE(MSE)KGYLTNIVPNLAIYASSRASASATNTNTDFIAQ
(MSE)NGVQFSDIPFFKDTNSPQYQKLAKSTGGEYQL(MSE)RLYA(MSE)GADAWLLINQFNELRQVPGYRLSGLTGIL
SADTNCNVERD(MSE)TWYQYQDGAIVPVAN
;
_entity_poly.pdbx_strand_id   A
#
loop_
_chem_comp.id
_chem_comp.type
_chem_comp.name
_chem_comp.formula
CL non-polymer 'CHLORIDE ION' 'Cl -1'
#
# COMPACT_ATOMS: atom_id res chain seq x y z
N ASN A 1 16.72 -15.43 41.28
CA ASN A 1 17.08 -16.27 40.15
C ASN A 1 16.78 -15.54 38.84
N PHE A 2 17.85 -15.07 38.17
CA PHE A 2 17.68 -14.28 36.97
C PHE A 2 17.32 -15.12 35.75
N THR A 3 17.57 -16.43 35.79
CA THR A 3 17.23 -17.28 34.65
C THR A 3 15.75 -17.25 34.32
N GLN A 4 14.90 -16.88 35.28
CA GLN A 4 13.47 -16.80 35.06
C GLN A 4 13.08 -15.71 34.07
N THR A 5 14.01 -14.84 33.68
CA THR A 5 13.69 -13.79 32.72
C THR A 5 13.38 -14.34 31.34
N LEU A 6 13.73 -15.60 31.07
CA LEU A 6 13.42 -16.22 29.79
C LEU A 6 11.95 -16.63 29.69
N GLN A 7 11.25 -16.73 30.82
CA GLN A 7 9.83 -17.07 30.83
C GLN A 7 8.94 -15.85 30.60
N LYS A 8 9.49 -14.65 30.66
CA LYS A 8 8.74 -13.43 30.39
C LYS A 8 9.09 -12.91 29.00
N ASP A 9 8.23 -12.02 28.49
CA ASP A 9 8.46 -11.43 27.18
C ASP A 9 9.75 -10.62 27.16
N ALA A 10 10.37 -10.57 25.99
CA ALA A 10 11.61 -9.82 25.78
C ALA A 10 11.26 -8.57 24.96
N ASN A 11 11.16 -7.43 25.65
CA ASN A 11 10.73 -6.19 25.02
C ASN A 11 11.88 -5.26 24.64
N ALA A 12 13.09 -5.52 25.13
CA ALA A 12 14.23 -4.69 24.78
C ALA A 12 14.75 -5.07 23.40
N SER A 13 15.77 -4.35 22.94
CA SER A 13 16.36 -4.59 21.64
C SER A 13 17.47 -5.62 21.74
N SER A 14 17.80 -6.25 20.61
CA SER A 14 18.94 -7.14 20.55
C SER A 14 20.21 -6.41 20.97
N GLU A 15 20.34 -5.15 20.56
CA GLU A 15 21.51 -4.36 20.92
C GLU A 15 21.60 -4.17 22.43
N PHE A 16 20.46 -4.05 23.11
CA PHE A 16 20.46 -3.92 24.55
C PHE A 16 20.99 -5.17 25.22
N TYR A 17 20.51 -6.35 24.80
CA TYR A 17 20.84 -7.58 25.50
C TYR A 17 22.30 -7.97 25.29
N ILE A 18 22.81 -7.85 24.06
CA ILE A 18 24.22 -8.12 23.80
C ILE A 18 25.09 -7.22 24.68
N ASN A 19 24.75 -5.94 24.71
CA ASN A 19 25.53 -4.98 25.48
C ASN A 19 25.53 -5.28 26.97
N LYS A 20 24.59 -6.10 27.44
CA LYS A 20 24.60 -6.53 28.84
C LYS A 20 25.53 -7.72 29.07
N LEU A 21 26.07 -8.32 28.00
CA LEU A 21 26.99 -9.44 28.16
C LEU A 21 28.26 -9.00 28.88
N GLY A 22 28.88 -7.92 28.41
CA GLY A 22 30.08 -7.42 29.06
C GLY A 22 29.83 -7.06 30.51
N GLN A 23 28.71 -6.38 30.78
CA GLN A 23 28.39 -5.92 32.13
C GLN A 23 28.04 -7.07 33.07
N THR A 24 27.84 -8.28 32.56
CA THR A 24 27.49 -9.43 33.38
C THR A 24 28.71 -10.31 33.56
N GLN A 25 29.05 -10.61 34.82
CA GLN A 25 30.22 -11.42 35.12
C GLN A 25 29.86 -12.82 35.60
N GLU A 26 28.57 -13.15 35.67
CA GLU A 26 28.12 -14.50 35.99
C GLU A 26 27.86 -15.23 34.67
N LEU A 27 28.56 -16.35 34.48
CA LEU A 27 28.46 -17.06 33.20
C LEU A 27 27.05 -17.55 32.93
N GLU A 28 26.30 -17.88 33.99
CA GLU A 28 24.94 -18.37 33.80
C GLU A 28 24.04 -17.27 33.24
N ASP A 29 24.23 -16.03 33.70
CA ASP A 29 23.41 -14.92 33.23
C ASP A 29 23.80 -14.47 31.83
N GLN A 30 25.07 -14.66 31.44
CA GLN A 30 25.47 -14.35 30.07
C GLN A 30 24.75 -15.22 29.06
N GLN A 31 24.65 -16.53 29.34
CA GLN A 31 23.91 -17.42 28.46
C GLN A 31 22.45 -16.99 28.38
N THR A 32 21.90 -16.51 29.49
CA THR A 32 20.53 -15.99 29.48
C THR A 32 20.42 -14.78 28.57
N TYR A 33 21.37 -13.84 28.65
CA TYR A 33 21.32 -12.66 27.80
C TYR A 33 21.48 -13.04 26.33
N LYS A 34 22.36 -14.00 26.03
CA LYS A 34 22.51 -14.45 24.65
C LYS A 34 21.21 -15.05 24.13
N LEU A 35 20.52 -15.83 24.96
CA LEU A 35 19.22 -16.38 24.57
C LEU A 35 18.21 -15.27 24.34
N LEU A 36 18.14 -14.30 25.26
CA LEU A 36 17.24 -13.17 25.09
C LEU A 36 17.56 -12.40 23.81
N ALA A 37 18.84 -12.16 23.55
CA ALA A 37 19.22 -11.41 22.35
C ALA A 37 18.94 -12.22 21.10
N ALA A 38 19.19 -13.52 21.14
CA ALA A 38 19.06 -14.35 19.94
C ALA A 38 17.62 -14.41 19.45
N ARG A 39 16.65 -14.41 20.37
CA ARG A 39 15.26 -14.53 19.97
C ARG A 39 14.67 -13.22 19.49
N VAL A 40 15.26 -12.09 19.89
CA VAL A 40 14.81 -10.80 19.37
C VAL A 40 15.49 -10.51 18.02
N LEU A 41 16.65 -11.09 17.77
CA LEU A 41 17.29 -10.94 16.47
C LEU A 41 16.40 -11.47 15.35
N ILE A 42 15.56 -12.46 15.66
CA ILE A 42 14.61 -12.96 14.67
C ILE A 42 13.54 -11.91 14.37
N ARG A 43 12.92 -11.37 15.43
CA ARG A 43 11.96 -10.29 15.23
C ARG A 43 12.57 -9.15 14.42
N GLU A 44 13.88 -8.92 14.56
CA GLU A 44 14.59 -7.93 13.75
C GLU A 44 15.07 -8.51 12.42
N ASN A 45 14.51 -9.64 12.00
CA ASN A 45 14.89 -10.33 10.77
C ASN A 45 16.41 -10.38 10.60
N LYS A 46 17.05 -11.03 11.58
CA LYS A 46 18.47 -11.36 11.51
C LYS A 46 18.66 -12.81 11.94
N VAL A 47 18.04 -13.72 11.18
CA VAL A 47 18.02 -15.12 11.57
C VAL A 47 19.43 -15.68 11.66
N GLU A 48 20.23 -15.45 10.62
CA GLU A 48 21.59 -16.02 10.60
C GLU A 48 22.45 -15.50 11.74
N GLN A 49 22.23 -14.25 12.15
CA GLN A 49 22.91 -13.76 13.35
C GLN A 49 22.37 -14.46 14.59
N SER A 50 21.06 -14.70 14.64
CA SER A 50 20.47 -15.39 15.78
C SER A 50 21.02 -16.81 15.90
N ALA A 51 21.08 -17.54 14.78
CA ALA A 51 21.60 -18.90 14.81
C ALA A 51 23.07 -18.92 15.18
N ALA A 52 23.86 -18.00 14.62
CA ALA A 52 25.27 -17.92 14.96
C ALA A 52 25.46 -17.68 16.45
N LEU A 53 24.59 -16.87 17.06
CA LEU A 53 24.71 -16.58 18.48
C LEU A 53 24.34 -17.79 19.34
N LEU A 54 23.46 -18.67 18.82
CA LEU A 54 23.11 -19.87 19.57
C LEU A 54 24.24 -20.90 19.55
N ARG A 55 25.04 -20.92 18.48
CA ARG A 55 26.18 -21.82 18.45
C ARG A 55 27.23 -21.43 19.49
N GLU A 56 27.23 -20.18 19.95
CA GLU A 56 28.15 -19.74 20.98
C GLU A 56 27.72 -20.17 22.38
N LEU A 57 26.54 -20.75 22.54
CA LEU A 57 26.04 -21.13 23.86
C LEU A 57 26.75 -22.40 24.34
N GLY A 58 27.40 -22.29 25.49
CA GLY A 58 28.08 -23.42 26.07
C GLY A 58 27.22 -24.18 27.05
N GLU A 59 27.74 -24.42 28.26
CA GLU A 59 26.99 -25.13 29.28
C GLU A 59 25.72 -24.37 29.63
N LEU A 60 24.58 -25.03 29.45
CA LEU A 60 23.28 -24.47 29.79
C LEU A 60 22.61 -25.35 30.84
N ASN A 61 21.74 -24.73 31.62
CA ASN A 61 20.89 -25.47 32.55
C ASN A 61 19.53 -25.73 31.91
N ASP A 62 18.81 -26.69 32.51
CA ASP A 62 17.60 -27.20 31.88
C ASP A 62 16.64 -26.08 31.50
N ALA A 63 16.54 -25.04 32.34
CA ALA A 63 15.69 -23.90 31.98
C ALA A 63 16.17 -23.23 30.70
N GLN A 64 17.48 -23.20 30.47
CA GLN A 64 18.03 -22.58 29.28
C GLN A 64 17.94 -23.50 28.07
N LYS A 65 18.21 -24.80 28.26
CA LYS A 65 18.02 -25.76 27.18
C LYS A 65 16.62 -25.65 26.59
N LEU A 66 15.62 -25.42 27.45
CA LEU A 66 14.24 -25.32 27.00
C LEU A 66 14.06 -24.14 26.06
N ASP A 67 14.41 -22.93 26.53
CA ASP A 67 14.22 -21.75 25.71
C ASP A 67 15.08 -21.79 24.45
N ARG A 68 16.21 -22.51 24.50
N ARG A 68 16.21 -22.51 24.50
CA ARG A 68 17.02 -22.67 23.30
CA ARG A 68 17.02 -22.67 23.30
C ARG A 68 16.24 -23.43 22.22
C ARG A 68 16.25 -23.43 22.23
N ALA A 69 15.51 -24.48 22.61
CA ALA A 69 14.77 -25.27 21.64
C ALA A 69 13.69 -24.43 20.96
N LEU A 70 12.97 -23.62 21.72
CA LEU A 70 11.96 -22.75 21.11
C LEU A 70 12.57 -21.88 20.02
N ILE A 71 13.76 -21.33 20.26
CA ILE A 71 14.41 -20.49 19.26
C ILE A 71 14.90 -21.35 18.11
N GLU A 72 15.42 -22.54 18.41
CA GLU A 72 15.86 -23.45 17.35
C GLU A 72 14.71 -23.81 16.43
N ALA A 73 13.50 -23.93 16.98
CA ALA A 73 12.34 -24.22 16.15
C ALA A 73 11.84 -22.99 15.41
N ARG A 74 11.98 -21.80 16.01
CA ARG A 74 11.60 -20.58 15.32
C ARG A 74 12.54 -20.29 14.16
N ILE A 75 13.84 -20.58 14.33
CA ILE A 75 14.80 -20.37 13.25
C ILE A 75 14.47 -21.30 12.09
N SER A 76 14.17 -22.57 12.38
CA SER A 76 13.85 -23.51 11.32
C SER A 76 12.62 -23.05 10.52
N ALA A 77 11.62 -22.52 11.22
CA ALA A 77 10.44 -22.01 10.53
C ALA A 77 10.81 -20.85 9.61
N ALA A 78 11.73 -19.99 10.04
CA ALA A 78 12.17 -18.88 9.19
C ALA A 78 12.98 -19.38 8.00
N LYS A 79 13.73 -20.46 8.19
CA LYS A 79 14.50 -21.07 7.10
C LYS A 79 13.67 -22.03 6.26
N ASN A 80 12.34 -22.02 6.44
CA ASN A 80 11.43 -22.87 5.67
C ASN A 80 11.73 -24.35 5.87
N ALA A 81 12.28 -24.71 7.04
CA ALA A 81 12.47 -26.12 7.40
C ALA A 81 11.26 -26.58 8.20
N ASN A 82 10.15 -26.73 7.49
CA ASN A 82 8.87 -26.99 8.15
C ASN A 82 8.86 -28.35 8.83
N GLU A 83 9.34 -29.39 8.15
CA GLU A 83 9.35 -30.72 8.75
C GLU A 83 10.20 -30.74 10.01
N VAL A 84 11.36 -30.09 9.98
CA VAL A 84 12.23 -30.05 11.15
C VAL A 84 11.57 -29.27 12.28
N ALA A 85 11.00 -28.10 11.96
CA ALA A 85 10.40 -27.26 13.00
C ALA A 85 9.35 -28.02 13.79
N GLN A 86 8.45 -28.73 13.11
CA GLN A 86 7.42 -29.48 13.81
C GLN A 86 8.03 -30.51 14.76
N ASN A 87 8.97 -31.31 14.25
CA ASN A 87 9.59 -32.34 15.09
C ASN A 87 10.38 -31.73 16.24
N GLN A 88 10.79 -30.47 16.13
CA GLN A 88 11.50 -29.82 17.22
C GLN A 88 10.55 -29.28 18.28
N LEU A 89 9.35 -28.86 17.88
CA LEU A 89 8.36 -28.37 18.84
C LEU A 89 7.75 -29.52 19.63
N ARG A 90 7.31 -30.57 18.93
CA ARG A 90 6.71 -31.72 19.59
C ARG A 90 7.64 -32.35 20.62
N ALA A 91 8.95 -32.17 20.47
CA ALA A 91 9.90 -32.71 21.42
C ALA A 91 9.91 -31.96 22.75
N LEU A 92 9.12 -30.90 22.88
CA LEU A 92 9.10 -30.09 24.09
C LEU A 92 7.83 -30.38 24.88
N ASP A 93 7.99 -30.60 26.19
CA ASP A 93 6.85 -30.76 27.09
C ASP A 93 6.11 -29.44 27.14
N LEU A 94 4.98 -29.37 26.44
CA LEU A 94 4.23 -28.12 26.35
C LEU A 94 3.76 -27.63 27.71
N ASN A 95 3.64 -28.52 28.69
CA ASN A 95 3.22 -28.14 30.03
C ASN A 95 4.32 -27.48 30.84
N LYS A 96 5.56 -27.49 30.35
CA LYS A 96 6.68 -26.88 31.06
C LYS A 96 6.92 -25.44 30.65
N LEU A 97 6.25 -24.95 29.61
CA LEU A 97 6.47 -23.59 29.12
C LEU A 97 5.57 -22.60 29.85
N SER A 98 6.01 -21.35 29.86
CA SER A 98 5.23 -20.26 30.42
C SER A 98 4.28 -19.70 29.38
N PRO A 99 3.33 -18.85 29.78
CA PRO A 99 2.45 -18.23 28.78
C PRO A 99 3.20 -17.50 27.69
N SER A 100 4.26 -16.76 28.04
CA SER A 100 5.07 -16.10 27.03
C SER A 100 5.77 -17.11 26.14
N GLN A 101 6.28 -18.19 26.74
CA GLN A 101 6.94 -19.22 25.94
C GLN A 101 5.94 -20.00 25.09
N LYS A 102 4.70 -20.16 25.57
CA LYS A 102 3.68 -20.84 24.77
C LYS A 102 3.27 -20.00 23.56
N SER A 103 3.23 -18.67 23.72
CA SER A 103 2.89 -17.82 22.60
C SER A 103 3.94 -17.92 21.50
N ARG A 104 5.21 -18.04 21.88
CA ARG A 104 6.27 -18.24 20.90
C ARG A 104 6.18 -19.64 20.28
N TYR A 105 5.80 -20.62 21.10
CA TYR A 105 5.58 -21.96 20.59
C TYR A 105 4.56 -21.95 19.44
N TYR A 106 3.39 -21.37 19.69
CA TYR A 106 2.33 -21.38 18.68
C TYR A 106 2.60 -20.39 17.55
N GLU A 107 3.32 -19.30 17.83
CA GLU A 107 3.70 -18.39 16.75
C GLU A 107 4.59 -19.10 15.75
N THR A 108 5.59 -19.84 16.23
CA THR A 108 6.36 -20.70 15.34
C THR A 108 5.45 -21.68 14.63
N LEU A 109 4.49 -22.25 15.35
CA LEU A 109 3.55 -23.19 14.74
C LEU A 109 2.71 -22.53 13.67
N ALA A 110 2.33 -21.26 13.89
CA ALA A 110 1.57 -20.54 12.89
C ALA A 110 2.43 -20.19 11.68
N ILE A 111 3.72 -19.92 11.90
CA ILE A 111 4.62 -19.62 10.78
C ILE A 111 4.82 -20.84 9.91
N VAL A 112 4.94 -22.02 10.53
CA VAL A 112 5.07 -23.26 9.77
C VAL A 112 3.82 -23.48 8.92
N ALA A 113 2.65 -23.30 9.51
CA ALA A 113 1.40 -23.47 8.76
C ALA A 113 1.33 -22.48 7.60
N GLU A 114 1.68 -21.22 7.85
CA GLU A 114 1.61 -20.22 6.80
C GLU A 114 2.60 -20.53 5.67
N ASN A 115 3.79 -21.04 6.02
CA ASN A 115 4.75 -21.44 4.99
C ASN A 115 4.15 -22.50 4.07
N ARG A 116 3.49 -23.49 4.66
CA ARG A 116 2.83 -24.54 3.89
C ARG A 116 1.52 -24.09 3.27
N LYS A 117 1.20 -22.80 3.36
CA LYS A 117 -0.02 -22.25 2.78
C LYS A 117 -1.27 -22.90 3.40
N ASP A 118 -1.17 -23.27 4.67
CA ASP A 118 -2.30 -23.87 5.41
C ASP A 118 -2.92 -22.79 6.30
N MSE A 119 -3.81 -22.01 5.70
CA MSE A 119 -4.40 -20.86 6.39
C MSE A 119 -5.25 -21.26 7.60
O MSE A 119 -5.13 -20.67 8.67
CB MSE A 119 -5.24 -20.04 5.42
CG MSE A 119 -4.48 -19.53 4.20
SE MSE A 119 -2.99 -18.34 4.64
CE MSE A 119 -1.57 -19.65 4.73
H MSE A 119 -4.10 -22.12 4.91
HA MSE A 119 -3.67 -20.29 6.71
HB2 MSE A 119 -5.97 -20.59 5.09
HB3 MSE A 119 -5.59 -19.27 5.88
HG2 MSE A 119 -4.12 -20.29 3.71
HG3 MSE A 119 -5.09 -19.03 3.63
HE1 MSE A 119 -0.73 -19.21 4.94
HE2 MSE A 119 -1.77 -20.30 5.41
HE3 MSE A 119 -1.48 -20.10 3.86
N ILE A 120 -6.13 -22.25 7.43
CA ILE A 120 -7.01 -22.65 8.53
C ILE A 120 -6.19 -23.06 9.75
N GLU A 121 -5.20 -23.92 9.53
CA GLU A 121 -4.34 -24.34 10.64
C GLU A 121 -3.64 -23.14 11.27
N ALA A 122 -3.08 -22.27 10.43
CA ALA A 122 -2.42 -21.07 10.94
C ALA A 122 -3.34 -20.29 11.87
N VAL A 123 -4.62 -20.20 11.51
CA VAL A 123 -5.59 -19.52 12.37
C VAL A 123 -5.75 -20.26 13.69
N LYS A 124 -5.81 -21.60 13.63
CA LYS A 124 -5.99 -22.39 14.84
C LYS A 124 -4.79 -22.25 15.77
N ALA A 125 -3.59 -22.06 15.23
CA ALA A 125 -2.42 -21.85 16.08
C ALA A 125 -2.47 -20.51 16.78
N ARG A 126 -2.88 -19.46 16.07
CA ARG A 126 -2.98 -18.14 16.67
C ARG A 126 -4.15 -18.03 17.63
N ILE A 127 -5.16 -18.88 17.51
CA ILE A 127 -6.20 -18.97 18.54
C ILE A 127 -5.60 -19.43 19.85
N GLU A 128 -4.74 -20.47 19.80
CA GLU A 128 -4.05 -20.91 21.01
C GLU A 128 -3.08 -19.84 21.50
N MSE A 129 -2.36 -19.20 20.59
CA MSE A 129 -1.44 -18.14 20.95
C MSE A 129 -2.16 -17.05 21.74
O MSE A 129 -1.73 -16.66 22.83
CB MSE A 129 -0.79 -17.52 19.69
CG MSE A 129 0.23 -16.44 19.99
SE MSE A 129 0.88 -15.55 18.38
CE MSE A 129 2.37 -14.54 19.16
H MSE A 129 -2.38 -19.37 19.74
HA MSE A 129 -0.73 -18.50 21.50
HB2 MSE A 129 -0.35 -18.23 19.19
HB3 MSE A 129 -1.49 -17.13 19.15
HG2 MSE A 129 -0.16 -15.77 20.56
HG3 MSE A 129 1.00 -16.85 20.44
HE1 MSE A 129 2.80 -14.03 18.46
HE2 MSE A 129 2.01 -13.94 19.84
HE3 MSE A 129 2.99 -15.16 19.56
N ASP A 130 -3.27 -16.57 21.17
CA ASP A 130 -4.01 -15.47 21.79
C ASP A 130 -4.35 -15.75 23.24
N LYS A 131 -4.64 -17.01 23.58
CA LYS A 131 -4.97 -17.36 24.95
C LYS A 131 -3.81 -17.10 25.91
N ASN A 132 -2.58 -17.07 25.41
CA ASN A 132 -1.39 -16.92 26.24
C ASN A 132 -0.77 -15.52 26.18
N LEU A 133 -1.36 -14.60 25.44
CA LEU A 133 -0.83 -13.24 25.34
C LEU A 133 -1.44 -12.35 26.41
N THR A 134 -0.68 -11.35 26.83
CA THR A 134 -1.11 -10.40 27.86
C THR A 134 -1.08 -8.96 27.39
N ASP A 135 -0.04 -8.55 26.67
CA ASP A 135 0.04 -7.17 26.20
C ASP A 135 -1.07 -6.89 25.20
N VAL A 136 -1.77 -5.77 25.38
CA VAL A 136 -2.85 -5.41 24.48
C VAL A 136 -2.35 -5.33 23.05
N GLN A 137 -1.16 -4.72 22.85
CA GLN A 137 -0.63 -4.59 21.50
C GLN A 137 -0.34 -5.96 20.88
N ARG A 138 0.13 -6.90 21.69
CA ARG A 138 0.35 -8.26 21.18
C ARG A 138 -0.96 -8.91 20.78
N HIS A 139 -2.01 -8.76 21.61
CA HIS A 139 -3.34 -9.23 21.23
C HIS A 139 -3.74 -8.66 19.87
N GLN A 140 -3.70 -7.32 19.75
CA GLN A 140 -4.14 -6.68 18.51
C GLN A 140 -3.37 -7.20 17.31
N ASP A 141 -2.05 -7.31 17.44
CA ASP A 141 -1.25 -7.82 16.31
C ASP A 141 -1.67 -9.23 15.94
N ASN A 142 -1.94 -10.08 16.94
CA ASN A 142 -2.38 -11.44 16.66
C ASN A 142 -3.76 -11.44 16.01
N ILE A 143 -4.68 -10.63 16.52
CA ILE A 143 -6.01 -10.54 15.93
C ILE A 143 -5.91 -10.19 14.46
N ASP A 144 -5.15 -9.14 14.14
CA ASP A 144 -5.03 -8.70 12.76
C ASP A 144 -4.30 -9.73 11.90
N LYS A 145 -3.25 -10.35 12.43
CA LYS A 145 -2.61 -11.47 11.74
C LYS A 145 -3.65 -12.52 11.36
N THR A 146 -4.44 -12.95 12.35
CA THR A 146 -5.46 -13.97 12.10
C THR A 146 -6.41 -13.54 11.00
N TRP A 147 -6.80 -12.26 10.98
CA TRP A 147 -7.71 -11.78 9.95
C TRP A 147 -7.04 -11.75 8.59
N ALA A 148 -5.74 -11.47 8.54
CA ALA A 148 -5.02 -11.52 7.27
C ALA A 148 -5.00 -12.93 6.72
N LEU A 149 -4.74 -13.92 7.58
CA LEU A 149 -4.73 -15.31 7.15
C LEU A 149 -6.10 -15.73 6.61
N LEU A 150 -7.16 -15.41 7.36
CA LEU A 150 -8.51 -15.75 6.91
C LEU A 150 -8.83 -15.08 5.59
N ARG A 151 -8.39 -13.83 5.41
CA ARG A 151 -8.71 -13.09 4.20
C ARG A 151 -7.97 -13.65 2.98
N SER A 152 -6.83 -14.28 3.18
CA SER A 152 -6.07 -14.85 2.08
C SER A 152 -6.49 -16.27 1.74
N ALA A 153 -7.29 -16.90 2.60
CA ALA A 153 -7.73 -18.27 2.36
C ALA A 153 -8.68 -18.33 1.18
N ASN A 154 -8.80 -19.52 0.60
CA ASN A 154 -9.70 -19.75 -0.52
C ASN A 154 -11.14 -19.55 -0.08
N THR A 155 -11.87 -18.70 -0.82
CA THR A 155 -13.27 -18.45 -0.48
C THR A 155 -14.09 -19.73 -0.51
N GLY A 156 -13.77 -20.65 -1.42
CA GLY A 156 -14.53 -21.89 -1.51
C GLY A 156 -14.34 -22.77 -0.29
N VAL A 157 -13.11 -22.84 0.23
CA VAL A 157 -12.85 -23.67 1.40
C VAL A 157 -13.52 -23.07 2.62
N ILE A 158 -13.49 -21.75 2.76
CA ILE A 158 -14.11 -21.09 3.92
C ILE A 158 -15.59 -21.42 3.98
N ASN A 159 -16.32 -21.18 2.88
CA ASN A 159 -17.75 -21.47 2.86
C ASN A 159 -18.04 -22.91 3.27
N ASN A 160 -17.09 -23.83 3.03
CA ASN A 160 -17.23 -25.22 3.42
C ASN A 160 -16.18 -25.57 4.47
N ALA A 161 -16.25 -24.92 5.63
CA ALA A 161 -15.31 -25.15 6.71
C ALA A 161 -16.08 -25.29 8.02
N SER A 162 -15.73 -26.30 8.80
CA SER A 162 -16.39 -26.57 10.06
C SER A 162 -15.60 -25.92 11.20
N ASP A 163 -16.33 -25.50 12.24
CA ASP A 163 -15.69 -24.94 13.42
C ASP A 163 -14.92 -26.00 14.20
N GLU A 164 -15.14 -27.28 13.92
CA GLU A 164 -14.37 -28.36 14.53
C GLU A 164 -14.56 -28.40 16.05
N GLY A 165 -15.75 -28.05 16.51
CA GLY A 165 -16.03 -27.97 17.93
C GLY A 165 -15.35 -26.83 18.65
N ASN A 166 -14.57 -26.01 17.94
CA ASN A 166 -13.80 -24.93 18.55
C ASN A 166 -14.57 -23.62 18.40
N ALA A 167 -15.16 -23.15 19.50
CA ALA A 167 -15.99 -21.95 19.45
C ALA A 167 -15.26 -20.77 18.84
N ALA A 168 -13.99 -20.57 19.21
CA ALA A 168 -13.24 -19.44 18.69
C ALA A 168 -13.09 -19.52 17.18
N LEU A 169 -12.85 -20.73 16.65
CA LEU A 169 -12.77 -20.90 15.21
C LEU A 169 -14.13 -20.64 14.56
N GLY A 170 -15.21 -21.03 15.23
CA GLY A 170 -16.54 -20.72 14.75
C GLY A 170 -16.72 -19.23 14.56
N GLY A 171 -16.53 -18.46 15.63
CA GLY A 171 -16.65 -17.01 15.53
C GLY A 171 -15.85 -16.44 14.37
N TRP A 172 -14.65 -16.97 14.15
CA TRP A 172 -13.82 -16.48 13.05
C TRP A 172 -14.42 -16.85 11.70
N LEU A 173 -14.79 -18.11 11.52
CA LEU A 173 -15.35 -18.55 10.25
C LEU A 173 -16.61 -17.76 9.90
N THR A 174 -17.45 -17.48 10.89
CA THR A 174 -18.63 -16.65 10.65
C THR A 174 -18.21 -15.27 10.17
N LEU A 175 -17.21 -14.67 10.83
CA LEU A 175 -16.77 -13.34 10.47
C LEU A 175 -16.26 -13.30 9.04
N ILE A 176 -15.32 -14.19 8.69
CA ILE A 176 -14.74 -14.15 7.35
C ILE A 176 -15.77 -14.50 6.29
N LYS A 177 -16.70 -15.41 6.60
CA LYS A 177 -17.76 -15.71 5.63
C LYS A 177 -18.64 -14.48 5.39
N ALA A 178 -19.00 -13.77 6.45
CA ALA A 178 -19.79 -12.56 6.30
C ALA A 178 -19.06 -11.55 5.41
N TYR A 179 -17.75 -11.39 5.61
CA TYR A 179 -16.98 -10.45 4.80
C TYR A 179 -16.99 -10.87 3.33
N ASN A 180 -16.73 -12.15 3.06
CA ASN A 180 -16.68 -12.61 1.69
C ASN A 180 -18.06 -12.57 1.02
N ASP A 181 -19.13 -12.80 1.81
CA ASP A 181 -20.48 -12.81 1.25
C ASP A 181 -21.05 -11.41 1.03
N TYR A 182 -20.50 -10.38 1.69
CA TYR A 182 -21.15 -9.08 1.70
C TYR A 182 -20.22 -7.90 1.48
N ILE A 183 -18.96 -8.10 1.09
CA ILE A 183 -18.06 -6.98 0.90
C ILE A 183 -18.56 -6.09 -0.24
N ARG A 184 -19.13 -6.71 -1.28
CA ARG A 184 -19.69 -5.94 -2.39
C ARG A 184 -20.99 -5.24 -2.02
N GLN A 185 -21.55 -5.54 -0.84
CA GLN A 185 -22.75 -4.88 -0.33
C GLN A 185 -22.40 -4.24 1.01
N PRO A 186 -21.56 -3.22 1.01
CA PRO A 186 -21.02 -2.70 2.28
C PRO A 186 -22.08 -2.30 3.29
N VAL A 187 -23.26 -1.91 2.86
CA VAL A 187 -24.32 -1.60 3.82
C VAL A 187 -24.77 -2.85 4.54
N GLN A 188 -24.91 -3.97 3.81
CA GLN A 188 -25.32 -5.22 4.43
C GLN A 188 -24.21 -5.80 5.30
N LEU A 189 -22.95 -5.67 4.87
CA LEU A 189 -21.84 -6.15 5.68
C LEU A 189 -21.84 -5.49 7.05
N SER A 190 -21.99 -4.16 7.09
CA SER A 190 -22.05 -3.44 8.35
C SER A 190 -23.10 -4.05 9.28
N GLN A 191 -24.29 -4.32 8.76
CA GLN A 191 -25.33 -4.92 9.57
C GLN A 191 -24.95 -6.32 10.04
N ALA A 192 -24.20 -7.05 9.23
CA ALA A 192 -23.74 -8.38 9.65
C ALA A 192 -22.71 -8.26 10.76
N LEU A 193 -21.72 -7.38 10.58
CA LEU A 193 -20.66 -7.22 11.58
C LEU A 193 -21.23 -6.82 12.93
N GLN A 194 -22.09 -5.80 12.96
CA GLN A 194 -22.72 -5.41 14.21
C GLN A 194 -23.40 -6.59 14.87
N SER A 195 -23.99 -7.47 14.07
CA SER A 195 -24.67 -8.65 14.60
C SER A 195 -23.66 -9.70 15.08
N TRP A 196 -22.54 -9.83 14.37
CA TRP A 196 -21.49 -10.74 14.81
C TRP A 196 -21.08 -10.44 16.24
N LYS A 197 -20.89 -9.15 16.56
CA LYS A 197 -20.44 -8.77 17.90
C LYS A 197 -21.42 -9.23 18.97
N ASN A 198 -22.71 -9.28 18.65
CA ASN A 198 -23.71 -9.73 19.61
C ASN A 198 -23.92 -11.24 19.58
N ALA A 199 -23.40 -11.93 18.55
CA ALA A 199 -23.46 -13.38 18.52
C ALA A 199 -22.29 -14.01 19.26
N TYR A 200 -21.13 -13.35 19.26
CA TYR A 200 -19.93 -13.86 19.92
C TYR A 200 -19.38 -12.78 20.85
N PRO A 201 -20.15 -12.38 21.86
CA PRO A 201 -19.71 -11.27 22.72
C PRO A 201 -18.42 -11.57 23.48
N ASN A 202 -18.15 -12.84 23.80
CA ASN A 202 -16.96 -13.21 24.57
C ASN A 202 -15.81 -13.67 23.66
N HIS A 203 -15.92 -13.45 22.35
CA HIS A 203 -14.84 -13.79 21.43
C HIS A 203 -13.75 -12.73 21.48
N ALA A 204 -12.52 -13.16 21.20
CA ALA A 204 -11.39 -12.24 21.29
C ALA A 204 -11.57 -11.05 20.36
N ALA A 205 -11.97 -11.30 19.12
CA ALA A 205 -12.18 -10.23 18.16
C ALA A 205 -13.36 -9.33 18.52
N ALA A 206 -14.23 -9.76 19.43
CA ALA A 206 -15.33 -8.91 19.85
C ALA A 206 -14.84 -7.76 20.72
N THR A 207 -13.82 -8.00 21.53
CA THR A 207 -13.23 -6.94 22.34
C THR A 207 -12.28 -6.09 21.50
N LEU A 208 -11.39 -6.73 20.75
CA LEU A 208 -10.44 -6.05 19.88
C LEU A 208 -10.78 -6.44 18.44
N PHE A 209 -11.58 -5.62 17.79
CA PHE A 209 -11.98 -5.88 16.42
C PHE A 209 -10.78 -5.69 15.48
N PRO A 210 -10.69 -6.48 14.41
CA PRO A 210 -9.60 -6.27 13.45
C PRO A 210 -9.63 -4.85 12.90
N LYS A 211 -8.45 -4.28 12.70
CA LYS A 211 -8.37 -2.88 12.30
C LYS A 211 -9.00 -2.65 10.93
N GLU A 212 -8.85 -3.61 10.02
CA GLU A 212 -9.49 -3.47 8.70
C GLU A 212 -11.00 -3.33 8.84
N LEU A 213 -11.58 -3.94 9.87
CA LEU A 213 -13.04 -3.99 10.02
C LEU A 213 -13.60 -2.88 10.90
N LEU A 214 -12.76 -2.01 11.45
CA LEU A 214 -13.28 -0.96 12.32
C LEU A 214 -14.03 0.10 11.51
N THR A 215 -13.53 0.44 10.33
CA THR A 215 -14.20 1.45 9.51
C THR A 215 -15.50 0.94 8.92
N LEU A 216 -15.70 -0.37 8.85
CA LEU A 216 -16.90 -0.96 8.27
C LEU A 216 -18.01 -1.19 9.29
N LEU A 217 -17.66 -1.34 10.57
CA LEU A 217 -18.67 -1.70 11.56
C LEU A 217 -19.81 -0.69 11.59
N ASN A 218 -19.51 0.58 11.36
CA ASN A 218 -20.49 1.65 11.43
C ASN A 218 -20.58 2.38 10.08
N PHE A 219 -20.46 1.62 9.00
CA PHE A 219 -20.44 2.20 7.67
C PHE A 219 -21.72 2.99 7.40
N GLN A 220 -21.62 3.97 6.49
CA GLN A 220 -22.75 4.80 6.09
C GLN A 220 -22.72 4.98 4.58
N GLN A 221 -23.87 4.88 3.95
CA GLN A 221 -23.98 5.10 2.52
C GLN A 221 -23.74 6.57 2.18
N THR A 222 -23.07 6.82 1.05
CA THR A 222 -22.82 8.18 0.62
C THR A 222 -24.11 8.81 0.09
N ASN A 223 -24.35 10.07 0.48
CA ASN A 223 -25.58 10.76 0.09
C ASN A 223 -25.27 12.26 -0.02
N VAL A 224 -24.70 12.64 -1.15
CA VAL A 224 -24.28 14.02 -1.37
C VAL A 224 -25.51 14.88 -1.65
N SER A 225 -25.69 15.93 -0.86
CA SER A 225 -26.79 16.88 -1.06
C SER A 225 -26.38 18.06 -1.94
N GLN A 226 -25.19 18.62 -1.71
CA GLN A 226 -24.69 19.71 -2.53
C GLN A 226 -23.17 19.76 -2.41
N ILE A 227 -22.53 20.26 -3.47
CA ILE A 227 -21.08 20.25 -3.57
C ILE A 227 -20.57 21.68 -3.64
N GLY A 228 -19.39 21.89 -3.07
CA GLY A 228 -18.61 23.08 -3.31
C GLY A 228 -17.39 22.75 -4.15
N LEU A 229 -17.25 23.40 -5.30
CA LEU A 229 -16.16 23.12 -6.22
C LEU A 229 -15.11 24.22 -6.12
N LEU A 230 -13.92 23.86 -5.66
CA LEU A 230 -12.80 24.79 -5.48
C LEU A 230 -11.77 24.55 -6.57
N LEU A 231 -11.57 25.53 -7.43
CA LEU A 231 -10.66 25.40 -8.55
C LEU A 231 -10.08 26.76 -8.89
N PRO A 232 -8.93 26.80 -9.58
CA PRO A 232 -8.45 28.07 -10.12
C PRO A 232 -9.10 28.39 -11.45
N LEU A 233 -10.07 29.32 -11.43
CA LEU A 233 -10.88 29.61 -12.62
C LEU A 233 -10.61 30.99 -13.18
N SER A 234 -9.54 31.66 -12.75
CA SER A 234 -9.15 32.94 -13.32
C SER A 234 -7.67 33.16 -13.06
N GLY A 235 -7.03 33.90 -13.97
CA GLY A 235 -5.62 34.17 -13.81
C GLY A 235 -4.77 32.96 -14.15
N ASP A 236 -3.70 32.76 -13.37
CA ASP A 236 -2.82 31.63 -13.61
C ASP A 236 -3.50 30.33 -13.19
N GLY A 237 -3.44 29.33 -14.07
CA GLY A 237 -4.13 28.08 -13.83
C GLY A 237 -5.55 28.04 -14.33
N GLN A 238 -6.02 29.09 -15.00
CA GLN A 238 -7.41 29.12 -15.47
C GLN A 238 -7.69 27.94 -16.39
N ILE A 239 -6.81 27.71 -17.37
CA ILE A 239 -6.99 26.58 -18.28
C ILE A 239 -7.08 25.27 -17.51
N LEU A 240 -6.39 25.18 -16.37
CA LEU A 240 -6.41 23.96 -15.58
C LEU A 240 -7.75 23.77 -14.88
N GLY A 241 -8.27 24.83 -14.25
CA GLY A 241 -9.54 24.71 -13.55
C GLY A 241 -10.72 24.62 -14.51
N THR A 242 -10.65 25.34 -15.63
CA THR A 242 -11.72 25.26 -16.63
C THR A 242 -11.82 23.85 -17.19
N THR A 243 -10.67 23.26 -17.56
CA THR A 243 -10.67 21.93 -18.15
C THR A 243 -11.13 20.88 -17.14
N ILE A 244 -10.62 20.95 -15.90
CA ILE A 244 -11.11 20.06 -14.85
C ILE A 244 -12.61 20.26 -14.66
N GLN A 245 -13.05 21.52 -14.63
CA GLN A 245 -14.47 21.79 -14.48
C GLN A 245 -15.29 21.17 -15.60
N SER A 246 -14.75 21.19 -16.83
CA SER A 246 -15.48 20.64 -17.97
C SER A 246 -15.80 19.16 -17.75
N GLY A 247 -14.80 18.38 -17.32
CA GLY A 247 -15.04 16.97 -17.08
C GLY A 247 -16.02 16.74 -15.94
N PHE A 248 -15.93 17.55 -14.88
CA PHE A 248 -16.80 17.37 -13.73
C PHE A 248 -18.26 17.59 -14.10
N ASN A 249 -18.53 18.58 -14.96
CA ASN A 249 -19.91 18.88 -15.33
C ASN A 249 -20.46 17.85 -16.33
N ASP A 250 -19.62 17.36 -17.24
CA ASP A 250 -20.07 16.33 -18.16
C ASP A 250 -20.36 15.03 -17.43
N ALA A 251 -19.54 14.68 -16.43
CA ALA A 251 -19.86 13.55 -15.57
C ALA A 251 -21.09 13.85 -14.71
N LYS A 252 -21.24 15.10 -14.28
CA LYS A 252 -22.40 15.51 -13.51
C LYS A 252 -23.69 15.14 -14.23
N GLY A 253 -23.80 15.50 -15.51
CA GLY A 253 -24.96 15.13 -16.29
C GLY A 253 -26.21 15.85 -15.80
N ASN A 254 -27.32 15.12 -15.77
N ASN A 254 -27.32 15.12 -15.78
CA ASN A 254 -28.61 15.65 -15.34
CA ASN A 254 -28.60 15.67 -15.34
C ASN A 254 -28.79 15.60 -13.83
C ASN A 254 -28.80 15.56 -13.83
N SER A 255 -27.71 15.52 -13.07
CA SER A 255 -27.80 15.44 -11.62
C SER A 255 -28.48 16.68 -11.07
N THR A 256 -29.35 16.49 -10.09
CA THR A 256 -30.04 17.60 -9.43
C THR A 256 -29.19 18.24 -8.34
N ILE A 257 -28.08 17.63 -7.95
CA ILE A 257 -27.22 18.13 -6.88
C ILE A 257 -26.71 19.52 -7.24
N PRO A 258 -27.00 20.55 -6.45
CA PRO A 258 -26.46 21.88 -6.76
C PRO A 258 -24.97 21.95 -6.43
N VAL A 259 -24.19 22.47 -7.38
CA VAL A 259 -22.75 22.61 -7.23
C VAL A 259 -22.45 24.11 -7.20
N GLN A 260 -22.10 24.61 -6.01
CA GLN A 260 -21.65 25.99 -5.88
C GLN A 260 -20.16 26.05 -6.19
N VAL A 261 -19.80 26.85 -7.17
CA VAL A 261 -18.41 26.97 -7.61
C VAL A 261 -17.75 28.10 -6.84
N PHE A 262 -16.50 27.87 -6.43
CA PHE A 262 -15.67 28.87 -5.81
C PHE A 262 -14.40 29.02 -6.64
N ASP A 263 -14.09 30.26 -7.03
CA ASP A 263 -12.87 30.55 -7.80
C ASP A 263 -11.75 30.88 -6.81
N THR A 264 -10.82 29.94 -6.66
CA THR A 264 -9.73 30.11 -5.69
C THR A 264 -8.77 31.22 -6.08
N SER A 265 -8.76 31.63 -7.34
CA SER A 265 -7.92 32.76 -7.75
C SER A 265 -8.57 34.10 -7.45
N MSE A 266 -9.81 34.11 -6.97
CA MSE A 266 -10.52 35.34 -6.65
C MSE A 266 -10.82 35.43 -5.16
O MSE A 266 -11.34 36.44 -4.68
CB MSE A 266 -11.82 35.42 -7.44
CG MSE A 266 -11.64 35.44 -8.95
SE MSE A 266 -11.62 37.24 -9.67
CE MSE A 266 -13.46 37.75 -9.24
H MSE A 266 -10.27 33.40 -6.82
HA MSE A 266 -9.97 36.10 -6.91
HB2 MSE A 266 -12.37 34.64 -7.23
HB3 MSE A 266 -12.29 36.22 -7.19
HG2 MSE A 266 -10.79 35.01 -9.17
HG3 MSE A 266 -12.37 34.96 -9.36
HE1 MSE A 266 -13.62 38.65 -9.54
HE2 MSE A 266 -14.07 37.14 -9.69
HE3 MSE A 266 -13.58 37.70 -8.28
N ASN A 267 -10.49 34.38 -4.41
CA ASN A 267 -10.72 34.35 -2.98
C ASN A 267 -9.68 33.45 -2.33
N SER A 268 -9.53 33.61 -1.02
CA SER A 268 -8.62 32.77 -0.25
C SER A 268 -9.33 31.49 0.17
N VAL A 269 -8.56 30.39 0.23
CA VAL A 269 -9.13 29.13 0.68
C VAL A 269 -9.67 29.26 2.09
N GLN A 270 -9.09 30.15 2.88
CA GLN A 270 -9.54 30.38 4.24
C GLN A 270 -11.00 30.86 4.26
N ASP A 271 -11.33 31.82 3.39
CA ASP A 271 -12.68 32.38 3.36
C ASP A 271 -13.64 31.51 2.57
N ILE A 272 -13.17 30.80 1.55
CA ILE A 272 -14.03 29.89 0.82
C ILE A 272 -14.64 28.86 1.75
N ILE A 273 -13.80 28.21 2.56
CA ILE A 273 -14.30 27.22 3.51
C ILE A 273 -15.29 27.86 4.48
N ALA A 274 -15.05 29.12 4.84
CA ALA A 274 -15.99 29.84 5.70
C ALA A 274 -17.32 30.03 4.98
N GLN A 275 -17.30 30.54 3.75
CA GLN A 275 -18.53 30.69 2.99
C GLN A 275 -19.24 29.35 2.84
N ALA A 276 -18.49 28.33 2.41
CA ALA A 276 -19.07 27.00 2.26
C ALA A 276 -19.71 26.54 3.58
N LYS A 277 -19.01 26.72 4.70
CA LYS A 277 -19.55 26.29 5.98
C LYS A 277 -20.87 26.98 6.28
N GLN A 278 -20.89 28.32 6.25
CA GLN A 278 -22.14 29.04 6.47
C GLN A 278 -23.17 28.68 5.41
N ALA A 279 -22.73 28.34 4.20
CA ALA A 279 -23.65 28.00 3.13
C ALA A 279 -24.33 26.65 3.35
N GLY A 280 -23.99 25.93 4.42
CA GLY A 280 -24.51 24.60 4.65
C GLY A 280 -23.82 23.49 3.88
N ILE A 281 -22.83 23.82 3.06
CA ILE A 281 -22.15 22.81 2.24
C ILE A 281 -21.32 21.92 3.15
N LYS A 282 -21.48 20.59 2.98
CA LYS A 282 -20.71 19.60 3.74
C LYS A 282 -19.88 18.70 2.83
N THR A 283 -19.62 19.13 1.60
CA THR A 283 -18.92 18.27 0.64
C THR A 283 -18.19 19.16 -0.34
N LEU A 284 -16.86 19.10 -0.34
CA LEU A 284 -16.02 19.92 -1.21
C LEU A 284 -15.19 19.04 -2.14
N VAL A 285 -14.96 19.55 -3.34
CA VAL A 285 -14.08 18.91 -4.32
C VAL A 285 -13.02 19.93 -4.70
N GLY A 286 -11.77 19.60 -4.40
CA GLY A 286 -10.69 20.55 -4.49
C GLY A 286 -10.18 20.90 -3.11
N PRO A 287 -9.23 21.82 -3.01
CA PRO A 287 -8.64 22.61 -4.11
C PRO A 287 -7.67 21.82 -4.97
N LEU A 288 -7.09 22.48 -5.97
CA LEU A 288 -6.15 21.87 -6.89
C LEU A 288 -4.70 22.24 -6.59
N LEU A 289 -4.41 23.54 -6.53
CA LEU A 289 -3.03 23.98 -6.31
C LEU A 289 -2.49 23.44 -4.99
N LYS A 290 -1.28 22.89 -5.04
CA LYS A 290 -0.66 22.36 -3.83
C LYS A 290 -0.62 23.40 -2.72
N GLN A 291 -0.36 24.65 -3.08
CA GLN A 291 -0.28 25.71 -2.08
C GLN A 291 -1.63 25.92 -1.40
N ASN A 292 -2.71 25.79 -2.16
CA ASN A 292 -4.05 25.94 -1.58
C ASN A 292 -4.40 24.73 -0.71
N LEU A 293 -3.97 23.54 -1.11
CA LEU A 293 -4.24 22.35 -0.30
C LEU A 293 -3.51 22.43 1.04
N ASP A 294 -2.31 23.02 1.06
CA ASP A 294 -1.58 23.16 2.31
C ASP A 294 -2.28 24.08 3.30
N VAL A 295 -3.13 24.99 2.80
CA VAL A 295 -3.91 25.84 3.71
C VAL A 295 -4.79 24.98 4.61
N ILE A 296 -5.49 24.00 4.01
CA ILE A 296 -6.29 23.07 4.79
C ILE A 296 -5.40 22.29 5.75
N LEU A 297 -4.29 21.77 5.24
CA LEU A 297 -3.37 21.01 6.08
C LEU A 297 -2.73 21.87 7.15
N ALA A 298 -2.66 23.19 6.95
CA ALA A 298 -2.13 24.08 7.98
C ALA A 298 -3.07 24.20 9.16
N ASP A 299 -4.35 23.88 8.98
CA ASP A 299 -5.33 23.85 10.07
C ASP A 299 -6.48 22.94 9.67
N PRO A 300 -6.31 21.62 9.81
CA PRO A 300 -7.38 20.70 9.34
C PRO A 300 -8.71 20.90 10.05
N ALA A 301 -8.75 21.58 11.19
CA ALA A 301 -10.02 21.84 11.86
C ALA A 301 -10.95 22.72 11.02
N GLN A 302 -10.44 23.36 9.97
CA GLN A 302 -11.28 24.16 9.10
C GLN A 302 -12.35 23.31 8.42
N ILE A 303 -11.99 22.09 8.01
CA ILE A 303 -12.91 21.20 7.30
C ILE A 303 -13.58 20.24 8.26
N GLN A 304 -13.62 20.62 9.55
CA GLN A 304 -14.38 19.86 10.53
C GLN A 304 -15.79 19.62 10.01
N GLY A 305 -16.20 18.36 10.02
CA GLY A 305 -17.55 18.00 9.59
C GLY A 305 -17.79 18.01 8.11
N MSE A 306 -16.74 18.11 7.29
CA MSE A 306 -16.88 18.15 5.85
C MSE A 306 -16.19 16.96 5.19
O MSE A 306 -15.27 16.39 5.76
CB MSE A 306 -16.28 19.45 5.30
CG MSE A 306 -17.15 20.68 5.50
SE MSE A 306 -16.25 22.34 5.01
CE MSE A 306 -17.76 23.31 4.25
H MSE A 306 -15.92 18.14 7.57
HA MSE A 306 -17.82 18.14 5.62
HB2 MSE A 306 -15.43 19.61 5.74
HB3 MSE A 306 -16.13 19.35 4.34
HG2 MSE A 306 -17.95 20.59 4.95
HG3 MSE A 306 -17.40 20.74 6.43
HE1 MSE A 306 -17.46 24.17 3.95
HE2 MSE A 306 -18.12 22.80 3.50
HE3 MSE A 306 -18.44 23.40 4.94
N ASP A 307 -16.67 16.58 4.01
CA ASP A 307 -16.03 15.55 3.19
C ASP A 307 -15.35 16.26 2.04
N VAL A 308 -14.02 16.19 2.00
CA VAL A 308 -13.21 16.95 1.05
C VAL A 308 -12.44 15.97 0.19
N LEU A 309 -12.62 16.06 -1.12
CA LEU A 309 -11.82 15.34 -2.10
C LEU A 309 -10.87 16.33 -2.74
N ALA A 310 -9.71 16.53 -2.10
CA ALA A 310 -8.70 17.40 -2.68
C ALA A 310 -8.21 16.83 -4.01
N LEU A 311 -7.98 17.72 -4.98
CA LEU A 311 -7.51 17.33 -6.30
C LEU A 311 -5.99 17.37 -6.41
N ASN A 312 -5.28 17.12 -5.32
CA ASN A 312 -3.83 17.14 -5.33
C ASN A 312 -3.33 16.47 -4.06
N ALA A 313 -2.01 16.32 -3.95
CA ALA A 313 -1.39 15.72 -2.78
C ALA A 313 -0.02 16.35 -2.59
N THR A 314 0.29 16.74 -1.36
CA THR A 314 1.55 17.43 -1.09
C THR A 314 2.40 16.62 -0.12
N PRO A 315 3.69 16.92 0.02
CA PRO A 315 4.51 16.21 1.00
C PRO A 315 3.91 16.22 2.39
N ASN A 316 3.15 17.28 2.72
CA ASN A 316 2.48 17.41 4.00
C ASN A 316 1.18 16.61 4.07
N SER A 317 0.81 15.90 3.01
CA SER A 317 -0.41 15.10 3.05
C SER A 317 -0.27 14.02 4.12
N ARG A 318 -1.37 13.75 4.81
CA ARG A 318 -1.38 12.81 5.92
C ARG A 318 -2.82 12.38 6.15
N ALA A 319 -3.04 11.62 7.23
CA ALA A 319 -4.38 11.10 7.53
C ALA A 319 -5.17 12.15 8.30
N ILE A 320 -6.17 12.73 7.64
CA ILE A 320 -7.07 13.68 8.28
C ILE A 320 -8.48 13.12 8.18
N PRO A 321 -9.32 13.24 9.22
CA PRO A 321 -10.70 12.75 9.13
C PRO A 321 -11.47 13.43 8.00
N GLN A 322 -11.98 12.62 7.08
CA GLN A 322 -12.85 13.10 6.00
C GLN A 322 -12.07 13.96 5.00
N LEU A 323 -10.84 13.56 4.70
CA LEU A 323 -10.03 14.19 3.67
C LEU A 323 -9.39 13.11 2.81
N CYS A 324 -9.48 13.28 1.49
CA CYS A 324 -8.89 12.35 0.55
C CYS A 324 -8.14 13.13 -0.52
N TYR A 325 -7.05 12.54 -0.99
CA TYR A 325 -6.15 13.18 -1.94
C TYR A 325 -6.22 12.42 -3.25
N TYR A 326 -6.72 13.08 -4.29
CA TYR A 326 -6.81 12.49 -5.63
C TYR A 326 -6.04 13.40 -6.58
N GLY A 327 -4.77 13.07 -6.80
CA GLY A 327 -3.96 13.81 -7.74
C GLY A 327 -3.45 12.94 -8.87
N LEU A 328 -3.14 13.56 -10.01
CA LEU A 328 -2.38 12.90 -11.07
C LEU A 328 -0.89 12.98 -10.70
N SER A 329 -0.57 12.38 -9.56
CA SER A 329 0.76 12.51 -8.99
C SER A 329 1.72 11.54 -9.66
N PRO A 330 2.94 11.97 -10.03
CA PRO A 330 3.92 11.01 -10.56
C PRO A 330 4.30 9.94 -9.57
N GLU A 331 3.93 10.09 -8.29
CA GLU A 331 4.18 9.03 -7.32
C GLU A 331 3.32 7.80 -7.60
N ASP A 332 2.07 8.00 -8.02
CA ASP A 332 1.21 6.87 -8.34
C ASP A 332 1.70 6.13 -9.57
N GLU A 333 2.10 6.87 -10.61
CA GLU A 333 2.63 6.24 -11.81
C GLU A 333 3.90 5.45 -11.50
N ALA A 334 4.64 5.86 -10.46
CA ALA A 334 5.81 5.08 -10.04
C ALA A 334 5.42 3.84 -9.27
N GLU A 335 4.33 3.90 -8.50
CA GLU A 335 3.86 2.71 -7.80
C GLU A 335 3.29 1.69 -8.78
N SER A 336 2.52 2.15 -9.76
CA SER A 336 2.02 1.25 -10.80
C SER A 336 3.18 0.61 -11.56
N ALA A 337 4.31 1.30 -11.67
CA ALA A 337 5.48 0.72 -12.32
C ALA A 337 6.05 -0.41 -11.47
N ALA A 338 6.07 -0.26 -10.15
CA ALA A 338 6.58 -1.32 -9.29
C ALA A 338 5.72 -2.57 -9.39
N ASN A 339 4.39 -2.40 -9.51
CA ASN A 339 3.51 -3.53 -9.70
C ASN A 339 3.72 -4.16 -11.08
N LYS A 340 3.77 -3.33 -12.12
CA LYS A 340 3.94 -3.84 -13.48
C LYS A 340 5.25 -4.59 -13.62
N MSE A 341 6.35 -3.99 -13.18
CA MSE A 341 7.66 -4.60 -13.33
C MSE A 341 7.75 -5.90 -12.53
O MSE A 341 8.38 -6.87 -12.98
CB MSE A 341 8.76 -3.63 -12.87
CG MSE A 341 8.87 -2.38 -13.73
SE MSE A 341 10.03 -1.01 -12.99
CE MSE A 341 11.77 -1.82 -13.38
H MSE A 341 6.36 -3.22 -12.79
HA MSE A 341 7.82 -4.80 -14.26
HB2 MSE A 341 8.57 -3.34 -11.96
HB3 MSE A 341 9.62 -4.08 -12.90
HG2 MSE A 341 9.22 -2.63 -14.60
HG3 MSE A 341 7.98 -1.99 -13.84
HE1 MSE A 341 12.46 -1.22 -13.05
HE2 MSE A 341 11.82 -2.68 -12.93
HE3 MSE A 341 11.85 -1.94 -14.33
N TRP A 342 7.13 -5.93 -11.36
CA TRP A 342 7.13 -7.15 -10.55
C TRP A 342 6.38 -8.27 -11.26
N ASN A 343 5.19 -7.96 -11.79
CA ASN A 343 4.41 -8.98 -12.49
C ASN A 343 5.13 -9.48 -13.73
N ASP A 344 5.87 -8.60 -14.41
CA ASP A 344 6.64 -8.99 -15.58
C ASP A 344 7.83 -9.88 -15.25
N GLY A 345 8.13 -10.08 -13.97
CA GLY A 345 9.24 -10.92 -13.56
C GLY A 345 10.49 -10.18 -13.13
N VAL A 346 10.51 -8.84 -13.25
CA VAL A 346 11.67 -8.08 -12.84
C VAL A 346 11.93 -8.30 -11.35
N ARG A 347 13.21 -8.46 -11.00
CA ARG A 347 13.63 -8.53 -9.61
C ARG A 347 14.84 -7.68 -9.30
N ASN A 348 15.48 -7.08 -10.31
CA ASN A 348 16.55 -6.10 -10.12
C ASN A 348 16.13 -4.83 -10.84
N PRO A 349 15.23 -4.05 -10.26
CA PRO A 349 14.78 -2.81 -10.92
C PRO A 349 15.77 -1.68 -10.68
N LEU A 350 16.07 -0.96 -11.76
CA LEU A 350 16.96 0.20 -11.72
C LEU A 350 16.11 1.44 -11.97
N VAL A 351 16.06 2.33 -10.97
CA VAL A 351 15.20 3.50 -11.00
C VAL A 351 16.07 4.73 -11.16
N ALA A 352 15.87 5.47 -12.24
CA ALA A 352 16.60 6.69 -12.53
C ALA A 352 15.69 7.89 -12.31
N MSE A 353 15.95 8.63 -11.23
CA MSE A 353 15.15 9.81 -10.90
C MSE A 353 15.94 11.09 -11.18
O MSE A 353 17.16 11.08 -11.16
CB MSE A 353 14.75 9.79 -9.44
CG MSE A 353 13.87 8.61 -9.03
SE MSE A 353 12.00 8.86 -9.55
CE MSE A 353 12.03 7.95 -11.27
H MSE A 353 16.58 8.48 -10.68
HA MSE A 353 14.34 9.82 -11.44
HB2 MSE A 353 15.55 9.74 -8.89
HB3 MSE A 353 14.26 10.60 -9.22
HG2 MSE A 353 14.19 7.81 -9.47
HG3 MSE A 353 13.90 8.51 -8.08
HE1 MSE A 353 11.15 7.99 -11.66
HE2 MSE A 353 12.67 8.39 -11.85
HE3 MSE A 353 12.30 7.02 -11.12
N PRO A 354 15.25 12.21 -11.43
CA PRO A 354 15.95 13.48 -11.50
C PRO A 354 16.45 13.89 -10.13
N GLN A 355 17.57 14.62 -10.12
CA GLN A 355 18.21 15.02 -8.86
C GLN A 355 17.55 16.28 -8.33
N ASN A 356 16.29 16.12 -7.92
CA ASN A 356 15.51 17.21 -7.36
C ASN A 356 14.57 16.65 -6.30
N ASP A 357 13.80 17.55 -5.68
CA ASP A 357 12.86 17.12 -4.65
C ASP A 357 11.83 16.16 -5.23
N LEU A 358 11.34 16.44 -6.43
CA LEU A 358 10.37 15.54 -7.06
C LEU A 358 10.95 14.15 -7.27
N GLY A 359 12.21 14.07 -7.70
CA GLY A 359 12.82 12.77 -7.93
C GLY A 359 12.94 11.95 -6.66
N GLN A 360 13.26 12.61 -5.54
CA GLN A 360 13.35 11.89 -4.27
C GLN A 360 11.98 11.41 -3.81
N ARG A 361 10.93 12.19 -4.06
CA ARG A 361 9.59 11.80 -3.64
C ARG A 361 9.03 10.70 -4.52
N VAL A 362 9.27 10.77 -5.82
CA VAL A 362 8.80 9.72 -6.73
C VAL A 362 9.63 8.46 -6.54
N GLY A 363 10.93 8.61 -6.31
CA GLY A 363 11.77 7.44 -6.08
C GLY A 363 11.42 6.73 -4.79
N ASN A 364 11.08 7.50 -3.75
CA ASN A 364 10.62 6.88 -2.51
C ASN A 364 9.30 6.13 -2.72
N ALA A 365 8.40 6.71 -3.52
CA ALA A 365 7.14 6.04 -3.81
C ALA A 365 7.37 4.68 -4.44
N PHE A 366 8.28 4.60 -5.42
CA PHE A 366 8.60 3.32 -6.04
C PHE A 366 9.19 2.36 -5.01
N ASN A 367 10.14 2.84 -4.22
CA ASN A 367 10.81 1.97 -3.25
C ASN A 367 9.82 1.35 -2.28
N VAL A 368 8.89 2.15 -1.76
CA VAL A 368 7.91 1.65 -0.79
C VAL A 368 7.14 0.48 -1.39
N ARG A 369 6.56 0.67 -2.58
CA ARG A 369 5.78 -0.40 -3.18
C ARG A 369 6.65 -1.60 -3.52
N TRP A 370 7.92 -1.37 -3.87
CA TRP A 370 8.80 -2.49 -4.16
C TRP A 370 9.16 -3.27 -2.90
N GLN A 371 9.31 -2.55 -1.78
CA GLN A 371 9.56 -3.23 -0.51
C GLN A 371 8.41 -4.17 -0.14
N GLN A 372 7.18 -3.79 -0.50
CA GLN A 372 6.02 -4.64 -0.18
C GLN A 372 6.04 -5.92 -1.02
N LEU A 373 6.28 -5.78 -2.33
CA LEU A 373 6.20 -6.93 -3.22
C LEU A 373 7.41 -7.85 -3.06
N ALA A 374 8.60 -7.28 -2.89
CA ALA A 374 9.84 -8.03 -2.88
C ALA A 374 10.52 -8.11 -1.52
N GLY A 375 10.17 -7.23 -0.58
CA GLY A 375 10.84 -7.21 0.70
C GLY A 375 12.27 -6.72 0.64
N THR A 376 12.59 -5.86 -0.32
CA THR A 376 13.94 -5.32 -0.48
C THR A 376 13.84 -3.94 -1.10
N ASP A 377 14.87 -3.15 -0.90
CA ASP A 377 14.94 -1.83 -1.51
C ASP A 377 15.27 -1.93 -2.99
N ALA A 378 14.79 -0.96 -3.75
CA ALA A 378 15.15 -0.85 -5.15
C ALA A 378 16.38 0.05 -5.29
N ASN A 379 17.15 -0.19 -6.34
CA ASN A 379 18.38 0.56 -6.58
C ASN A 379 18.03 1.86 -7.29
N ILE A 380 17.70 2.88 -6.50
CA ILE A 380 17.40 4.21 -7.02
C ILE A 380 18.71 4.97 -7.18
N ARG A 381 18.81 5.74 -8.27
CA ARG A 381 19.99 6.56 -8.50
C ARG A 381 19.57 7.81 -9.26
N TYR A 382 19.93 8.97 -8.74
CA TYR A 382 19.58 10.24 -9.35
C TYR A 382 20.63 10.62 -10.38
N TYR A 383 20.21 11.43 -11.36
CA TYR A 383 21.06 11.76 -12.49
C TYR A 383 21.07 13.26 -12.75
N ASN A 384 22.23 13.78 -13.12
CA ASN A 384 22.34 15.15 -13.60
C ASN A 384 21.98 15.22 -15.08
N LEU A 385 22.68 14.45 -15.91
CA LEU A 385 22.46 14.39 -17.34
C LEU A 385 22.00 12.99 -17.75
N PRO A 386 21.23 12.87 -18.83
CA PRO A 386 20.75 11.54 -19.25
C PRO A 386 21.88 10.54 -19.49
N ALA A 387 23.08 11.05 -19.73
CA ALA A 387 24.23 10.15 -19.91
C ALA A 387 24.51 9.38 -18.63
N ASP A 388 24.34 10.02 -17.47
CA ASP A 388 24.66 9.37 -16.20
C ASP A 388 23.99 8.01 -16.06
N VAL A 389 22.85 7.81 -16.73
CA VAL A 389 22.15 6.54 -16.62
C VAL A 389 22.95 5.43 -17.27
N THR A 390 23.72 5.73 -18.33
CA THR A 390 24.45 4.67 -19.02
C THR A 390 25.44 3.98 -18.10
N TYR A 391 26.08 4.75 -17.21
CA TYR A 391 26.98 4.15 -16.22
C TYR A 391 26.18 3.36 -15.19
N PHE A 392 25.00 3.87 -14.82
CA PHE A 392 24.18 3.22 -13.81
C PHE A 392 23.73 1.84 -14.26
N VAL A 393 23.43 1.68 -15.55
CA VAL A 393 22.87 0.44 -16.04
C VAL A 393 23.95 -0.62 -16.21
N GLN A 394 25.06 -0.27 -16.88
CA GLN A 394 26.07 -1.27 -17.21
C GLN A 394 26.72 -1.87 -15.96
N GLU A 395 26.57 -1.24 -14.80
CA GLU A 395 27.20 -1.71 -13.58
C GLU A 395 26.28 -2.53 -12.69
N ASN A 396 24.96 -2.50 -12.94
CA ASN A 396 24.01 -3.24 -12.13
C ASN A 396 23.14 -4.15 -12.99
N ASN A 397 23.58 -4.49 -14.19
CA ASN A 397 22.80 -5.34 -15.10
C ASN A 397 22.90 -6.80 -14.62
N SER A 398 22.23 -7.05 -13.49
CA SER A 398 22.08 -8.40 -12.98
C SER A 398 21.03 -9.14 -13.82
N ASN A 399 20.53 -10.26 -13.31
CA ASN A 399 19.50 -11.01 -14.02
C ASN A 399 18.14 -10.40 -13.78
N THR A 400 17.23 -10.58 -14.75
CA THR A 400 15.88 -10.03 -14.68
C THR A 400 15.92 -8.54 -14.38
N THR A 401 16.80 -7.83 -15.07
CA THR A 401 17.01 -6.41 -14.86
C THR A 401 16.06 -5.60 -15.74
N ALA A 402 15.61 -4.47 -15.19
CA ALA A 402 14.77 -3.55 -15.94
C ALA A 402 14.97 -2.14 -15.39
N LEU A 403 14.78 -1.16 -16.26
CA LEU A 403 15.02 0.24 -15.94
C LEU A 403 13.70 0.99 -15.81
N TYR A 404 13.62 1.87 -14.80
CA TYR A 404 12.52 2.81 -14.67
C TYR A 404 13.10 4.22 -14.60
N ALA A 405 12.61 5.11 -15.46
CA ALA A 405 13.12 6.46 -15.55
C ALA A 405 11.98 7.43 -15.79
N VAL A 406 11.92 8.48 -14.97
CA VAL A 406 11.02 9.60 -15.18
C VAL A 406 11.83 10.71 -15.82
N ALA A 407 11.39 11.16 -17.00
CA ALA A 407 12.13 12.18 -17.72
C ALA A 407 11.28 12.65 -18.90
N SER A 408 11.65 13.81 -19.45
CA SER A 408 10.96 14.35 -20.60
C SER A 408 11.12 13.41 -21.79
N PRO A 409 10.24 13.51 -22.79
CA PRO A 409 10.38 12.65 -23.98
C PRO A 409 11.76 12.77 -24.62
N THR A 410 12.23 14.00 -24.84
CA THR A 410 13.53 14.18 -25.47
C THR A 410 14.66 13.58 -24.63
N GLU A 411 14.53 13.62 -23.29
CA GLU A 411 15.56 13.06 -22.44
C GLU A 411 15.61 11.54 -22.55
N LEU A 412 14.44 10.90 -22.50
CA LEU A 412 14.39 9.44 -22.63
C LEU A 412 14.97 8.99 -23.95
N ALA A 413 14.70 9.73 -25.03
CA ALA A 413 15.27 9.39 -26.32
C ALA A 413 16.79 9.31 -26.25
N GLU A 414 17.41 10.19 -25.47
CA GLU A 414 18.85 10.14 -25.29
C GLU A 414 19.26 8.90 -24.50
N MSE A 415 18.56 8.61 -23.41
CA MSE A 415 18.89 7.48 -22.56
C MSE A 415 18.87 6.18 -23.34
O MSE A 415 19.84 5.43 -23.31
CB MSE A 415 17.91 7.39 -21.39
CG MSE A 415 18.02 8.55 -20.42
SE MSE A 415 17.00 8.25 -18.78
CE MSE A 415 17.59 9.82 -17.78
H MSE A 415 17.87 9.07 -23.14
HA MSE A 415 19.77 7.62 -22.19
HB2 MSE A 415 17.00 7.38 -21.74
HB3 MSE A 415 18.08 6.57 -20.89
HG2 MSE A 415 18.95 8.66 -20.17
HG3 MSE A 415 17.68 9.35 -20.83
HE1 MSE A 415 17.16 9.82 -16.91
HE2 MSE A 415 18.56 9.78 -17.68
HE3 MSE A 415 17.35 10.61 -18.27
N LYS A 416 17.77 5.91 -24.04
CA LYS A 416 17.70 4.71 -24.85
C LYS A 416 18.70 4.74 -26.00
N GLY A 417 19.14 5.92 -26.42
CA GLY A 417 20.18 6.00 -27.43
C GLY A 417 21.54 5.60 -26.88
N TYR A 418 21.89 6.12 -25.70
CA TYR A 418 23.16 5.77 -25.07
C TYR A 418 23.17 4.34 -24.53
N LEU A 419 21.99 3.78 -24.25
CA LEU A 419 21.89 2.42 -23.72
C LEU A 419 21.77 1.37 -24.81
N THR A 420 21.80 1.77 -26.08
CA THR A 420 21.65 0.80 -27.16
C THR A 420 22.87 -0.12 -27.25
N ASN A 421 24.06 0.46 -27.33
CA ASN A 421 25.30 -0.32 -27.41
C ASN A 421 25.74 -0.88 -26.07
N ILE A 422 25.12 -0.47 -24.96
CA ILE A 422 25.52 -0.92 -23.63
C ILE A 422 24.67 -2.11 -23.18
N VAL A 423 23.35 -1.98 -23.25
CA VAL A 423 22.43 -3.09 -22.97
C VAL A 423 21.38 -3.11 -24.05
N PRO A 424 21.65 -3.70 -25.22
CA PRO A 424 20.71 -3.56 -26.34
C PRO A 424 19.34 -4.15 -26.09
N ASN A 425 19.22 -5.16 -25.22
CA ASN A 425 17.95 -5.82 -24.93
C ASN A 425 17.34 -5.34 -23.62
N LEU A 426 17.74 -4.16 -23.14
CA LEU A 426 17.25 -3.66 -21.87
C LEU A 426 15.73 -3.48 -21.90
N ALA A 427 15.09 -3.85 -20.80
CA ALA A 427 13.67 -3.58 -20.61
C ALA A 427 13.52 -2.22 -19.93
N ILE A 428 12.85 -1.30 -20.61
CA ILE A 428 12.71 0.08 -20.14
C ILE A 428 11.26 0.34 -19.81
N TYR A 429 11.02 1.00 -18.67
CA TYR A 429 9.71 1.46 -18.26
C TYR A 429 9.77 2.96 -17.99
N ALA A 430 8.67 3.65 -18.31
CA ALA A 430 8.60 5.10 -18.16
C ALA A 430 7.20 5.47 -17.70
N SER A 431 7.00 6.77 -17.46
CA SER A 431 5.73 7.31 -17.01
C SER A 431 5.05 8.05 -18.16
N SER A 432 3.86 8.59 -17.88
CA SER A 432 3.13 9.35 -18.89
C SER A 432 3.95 10.52 -19.40
N ARG A 433 4.87 11.04 -18.58
CA ARG A 433 5.73 12.14 -18.99
C ARG A 433 6.49 11.82 -20.27
N ALA A 434 6.61 10.55 -20.64
CA ALA A 434 7.29 10.14 -21.85
C ALA A 434 6.41 10.25 -23.09
N SER A 435 5.10 10.32 -22.92
CA SER A 435 4.15 10.28 -24.02
C SER A 435 3.50 11.65 -24.18
N ALA A 436 3.73 12.28 -25.33
CA ALA A 436 3.12 13.56 -25.65
C ALA A 436 2.87 13.63 -27.14
N SER A 437 1.75 14.24 -27.53
CA SER A 437 1.41 14.35 -28.95
C SER A 437 2.44 15.18 -29.71
N ALA A 438 3.05 16.16 -29.05
CA ALA A 438 4.09 16.97 -29.67
C ALA A 438 5.35 16.16 -29.96
N THR A 439 5.47 14.94 -29.43
CA THR A 439 6.58 14.07 -29.71
C THR A 439 6.19 12.74 -30.34
N ASN A 440 4.91 12.36 -30.29
CA ASN A 440 4.44 11.14 -30.94
C ASN A 440 4.17 11.33 -32.43
N THR A 441 4.45 12.51 -32.97
CA THR A 441 4.33 12.75 -34.41
C THR A 441 5.63 12.48 -35.15
N ASN A 442 6.66 12.00 -34.46
CA ASN A 442 7.98 11.81 -35.03
C ASN A 442 8.17 10.37 -35.50
N THR A 443 9.21 10.19 -36.32
CA THR A 443 9.71 8.87 -36.67
C THR A 443 10.99 8.53 -35.92
N ASP A 444 11.85 9.50 -35.66
CA ASP A 444 13.05 9.25 -34.88
C ASP A 444 12.71 9.00 -33.41
N PHE A 445 11.83 9.82 -32.83
CA PHE A 445 11.44 9.62 -31.45
C PHE A 445 10.80 8.25 -31.26
N ILE A 446 9.79 7.93 -32.07
CA ILE A 446 9.07 6.67 -31.91
C ILE A 446 9.96 5.49 -32.30
N ALA A 447 10.89 5.68 -33.24
CA ALA A 447 11.83 4.62 -33.58
C ALA A 447 12.92 4.47 -32.52
N GLN A 448 13.41 5.58 -31.98
CA GLN A 448 14.37 5.53 -30.89
C GLN A 448 13.70 5.41 -29.53
N MSE A 449 12.41 5.08 -29.51
CA MSE A 449 11.69 4.77 -28.27
C MSE A 449 10.97 3.42 -28.41
O MSE A 449 10.27 2.99 -27.50
CB MSE A 449 10.68 5.86 -27.92
CG MSE A 449 11.30 7.18 -27.48
SE MSE A 449 12.04 7.11 -25.67
CE MSE A 449 10.38 6.94 -24.67
H MSE A 449 11.92 5.04 -30.20
HA MSE A 449 12.33 4.71 -27.54
HB2 MSE A 449 10.13 6.04 -28.70
HB3 MSE A 449 10.11 5.55 -27.20
HG2 MSE A 449 12.03 7.40 -28.09
HG3 MSE A 449 10.63 7.86 -27.50
HE1 MSE A 449 10.58 6.89 -23.72
HE2 MSE A 449 9.82 7.71 -24.85
HE3 MSE A 449 9.92 6.13 -24.95
N ASN A 450 11.16 2.78 -29.57
CA ASN A 450 10.54 1.47 -29.81
C ASN A 450 10.95 0.49 -28.71
N GLY A 451 9.99 -0.35 -28.30
CA GLY A 451 10.19 -1.29 -27.22
C GLY A 451 9.87 -0.73 -25.85
N VAL A 452 10.04 0.58 -25.66
CA VAL A 452 9.75 1.20 -24.37
C VAL A 452 8.26 1.12 -24.08
N GLN A 453 7.90 0.77 -22.85
CA GLN A 453 6.52 0.77 -22.41
C GLN A 453 6.35 1.79 -21.30
N PHE A 454 5.19 2.45 -21.28
CA PHE A 454 4.93 3.54 -20.38
C PHE A 454 3.49 3.48 -19.90
N SER A 455 3.25 4.03 -18.70
CA SER A 455 1.92 4.11 -18.14
C SER A 455 1.23 5.40 -18.59
N ASP A 456 -0.10 5.34 -18.64
CA ASP A 456 -0.92 6.50 -18.93
C ASP A 456 -2.36 6.12 -18.62
N ILE A 457 -3.26 7.09 -18.72
CA ILE A 457 -4.66 6.88 -18.34
C ILE A 457 -5.32 5.94 -19.33
N PRO A 458 -6.32 5.16 -18.91
CA PRO A 458 -7.02 4.26 -19.86
C PRO A 458 -7.85 5.00 -20.91
N PHE A 459 -8.12 6.29 -20.72
CA PHE A 459 -8.96 7.02 -21.67
C PHE A 459 -8.35 7.05 -23.07
N PHE A 460 -7.02 6.94 -23.17
CA PHE A 460 -6.33 7.02 -24.45
C PHE A 460 -6.35 5.69 -25.22
N LYS A 461 -7.05 4.68 -24.72
CA LYS A 461 -7.13 3.42 -25.46
C LYS A 461 -7.91 3.60 -26.76
N ASP A 462 -9.10 4.19 -26.67
CA ASP A 462 -10.01 4.32 -27.81
C ASP A 462 -9.86 5.73 -28.36
N THR A 463 -9.00 5.86 -29.37
CA THR A 463 -8.83 7.12 -30.08
C THR A 463 -9.85 7.30 -31.20
N ASN A 464 -10.70 6.31 -31.44
CA ASN A 464 -11.73 6.39 -32.48
C ASN A 464 -13.13 6.61 -31.88
N SER A 465 -13.20 7.09 -30.65
CA SER A 465 -14.49 7.30 -29.99
C SER A 465 -15.00 8.70 -30.25
N PRO A 466 -16.32 8.92 -30.13
CA PRO A 466 -16.84 10.29 -30.31
C PRO A 466 -16.35 11.26 -29.24
N GLN A 467 -16.27 10.82 -27.98
CA GLN A 467 -15.83 11.72 -26.92
C GLN A 467 -14.37 12.11 -27.09
N TYR A 468 -13.51 11.14 -27.43
CA TYR A 468 -12.09 11.44 -27.61
C TYR A 468 -11.88 12.49 -28.69
N GLN A 469 -12.43 12.25 -29.89
CA GLN A 469 -12.24 13.19 -30.98
C GLN A 469 -12.88 14.55 -30.66
N LYS A 470 -14.03 14.54 -30.00
CA LYS A 470 -14.67 15.79 -29.60
C LYS A 470 -13.79 16.54 -28.59
N LEU A 471 -13.16 15.81 -27.68
CA LEU A 471 -12.29 16.43 -26.68
C LEU A 471 -10.91 16.71 -27.24
N ALA A 472 -10.33 15.74 -27.96
CA ALA A 472 -9.00 15.92 -28.52
C ALA A 472 -8.95 17.16 -29.41
N LYS A 473 -9.99 17.39 -30.20
CA LYS A 473 -10.02 18.56 -31.07
C LYS A 473 -10.16 19.85 -30.26
N SER A 474 -11.05 19.86 -29.27
CA SER A 474 -11.29 21.07 -28.50
C SER A 474 -10.11 21.43 -27.60
N THR A 475 -9.26 20.47 -27.25
CA THR A 475 -8.13 20.73 -26.39
C THR A 475 -6.86 21.09 -27.15
N GLY A 476 -6.90 21.13 -28.48
CA GLY A 476 -5.71 21.39 -29.25
C GLY A 476 -4.72 20.25 -29.28
N GLY A 477 -5.17 19.03 -29.00
CA GLY A 477 -4.30 17.88 -29.05
C GLY A 477 -3.28 17.80 -27.94
N GLU A 478 -3.45 18.59 -26.88
CA GLU A 478 -2.52 18.61 -25.76
C GLU A 478 -2.90 17.51 -24.78
N TYR A 479 -2.02 16.51 -24.63
CA TYR A 479 -2.33 15.36 -23.77
C TYR A 479 -2.60 15.80 -22.33
N GLN A 480 -1.77 16.69 -21.79
CA GLN A 480 -1.91 17.07 -20.39
C GLN A 480 -3.30 17.62 -20.09
N LEU A 481 -3.92 18.31 -21.04
CA LEU A 481 -5.24 18.88 -20.80
C LEU A 481 -6.32 17.80 -20.78
N MSE A 482 -6.21 16.81 -21.66
CA MSE A 482 -7.15 15.71 -21.69
C MSE A 482 -7.12 14.96 -20.36
O MSE A 482 -8.15 14.51 -19.87
CB MSE A 482 -6.85 14.75 -22.84
CG MSE A 482 -6.91 15.40 -24.21
SE MSE A 482 -6.72 14.11 -25.67
CE MSE A 482 -5.59 15.16 -26.86
H MSE A 482 -5.59 16.76 -22.26
HA MSE A 482 -8.05 16.06 -21.82
HB2 MSE A 482 -5.95 14.40 -22.73
HB3 MSE A 482 -7.49 14.03 -22.82
HG2 MSE A 482 -7.77 15.84 -24.32
HG3 MSE A 482 -6.20 16.05 -24.29
HE1 MSE A 482 -5.39 14.64 -27.64
HE2 MSE A 482 -6.05 15.98 -27.09
HE3 MSE A 482 -4.76 15.37 -26.39
N ARG A 483 -5.92 14.82 -19.79
CA ARG A 483 -5.80 14.15 -18.49
C ARG A 483 -6.50 14.93 -17.39
N LEU A 484 -6.60 16.25 -17.54
CA LEU A 484 -7.34 17.05 -16.56
C LEU A 484 -8.84 16.90 -16.72
N TYR A 485 -9.31 16.86 -17.97
CA TYR A 485 -10.72 16.59 -18.21
C TYR A 485 -11.14 15.25 -17.60
N ALA A 486 -10.36 14.20 -17.86
CA ALA A 486 -10.63 12.91 -17.25
C ALA A 486 -10.69 13.02 -15.74
N MSE A 487 -9.73 13.72 -15.15
CA MSE A 487 -9.67 13.90 -13.70
C MSE A 487 -10.96 14.53 -13.17
O MSE A 487 -11.51 14.07 -12.17
CB MSE A 487 -8.48 14.78 -13.32
CG MSE A 487 -8.26 14.92 -11.83
SE MSE A 487 -7.07 16.40 -11.45
CE MSE A 487 -6.15 15.66 -9.91
H MSE A 487 -9.09 14.11 -15.56
HA MSE A 487 -9.55 13.03 -13.27
HB2 MSE A 487 -7.68 14.40 -13.70
HB3 MSE A 487 -8.63 15.66 -13.68
HG2 MSE A 487 -9.11 15.08 -11.39
HG3 MSE A 487 -7.85 14.11 -11.49
HE1 MSE A 487 -5.49 16.30 -9.59
HE2 MSE A 487 -6.80 15.46 -9.21
HE3 MSE A 487 -5.71 14.83 -10.17
N GLY A 488 -11.43 15.57 -13.85
CA GLY A 488 -12.68 16.19 -13.46
C GLY A 488 -13.85 15.23 -13.53
N ALA A 489 -13.86 14.35 -14.54
CA ALA A 489 -14.90 13.34 -14.65
C ALA A 489 -14.82 12.35 -13.49
N ASP A 490 -13.62 11.88 -13.18
CA ASP A 490 -13.45 10.91 -12.10
C ASP A 490 -13.70 11.53 -10.73
N ALA A 491 -13.44 12.84 -10.59
CA ALA A 491 -13.73 13.49 -9.31
C ALA A 491 -15.21 13.40 -8.98
N TRP A 492 -16.07 13.47 -9.99
CA TRP A 492 -17.50 13.25 -9.78
C TRP A 492 -17.76 11.81 -9.36
N LEU A 493 -17.16 10.85 -10.07
CA LEU A 493 -17.26 9.45 -9.67
C LEU A 493 -16.81 9.26 -8.23
N LEU A 494 -15.71 9.91 -7.85
CA LEU A 494 -15.14 9.68 -6.52
C LEU A 494 -15.96 10.33 -5.43
N ILE A 495 -16.43 11.56 -5.65
CA ILE A 495 -17.10 12.28 -4.57
C ILE A 495 -18.39 11.58 -4.17
N ASN A 496 -19.07 10.95 -5.13
CA ASN A 496 -20.33 10.25 -4.84
C ASN A 496 -20.11 8.88 -4.21
N GLN A 497 -18.91 8.33 -4.31
CA GLN A 497 -18.54 7.09 -3.61
C GLN A 497 -17.44 7.37 -2.60
N PHE A 498 -17.53 8.52 -1.95
CA PHE A 498 -16.51 8.94 -0.99
C PHE A 498 -16.44 7.99 0.19
N ASN A 499 -17.59 7.68 0.80
CA ASN A 499 -17.59 6.85 2.00
C ASN A 499 -17.10 5.43 1.68
N GLU A 500 -17.63 4.83 0.62
CA GLU A 500 -17.15 3.52 0.20
C GLU A 500 -15.63 3.54 0.04
N LEU A 501 -15.12 4.50 -0.72
CA LEU A 501 -13.69 4.60 -0.96
C LEU A 501 -12.92 4.78 0.35
N ARG A 502 -13.49 5.52 1.30
CA ARG A 502 -12.77 5.83 2.52
C ARG A 502 -12.85 4.70 3.54
N GLN A 503 -13.99 4.01 3.61
CA GLN A 503 -14.23 3.04 4.67
C GLN A 503 -14.22 1.58 4.20
N VAL A 504 -14.37 1.31 2.91
CA VAL A 504 -14.38 -0.05 2.39
C VAL A 504 -12.96 -0.38 1.91
N PRO A 505 -12.24 -1.28 2.59
CA PRO A 505 -10.87 -1.60 2.13
C PRO A 505 -10.88 -2.32 0.80
N GLY A 506 -9.88 -2.02 -0.02
CA GLY A 506 -9.75 -2.61 -1.34
C GLY A 506 -10.76 -2.15 -2.36
N TYR A 507 -11.65 -1.22 -2.00
CA TYR A 507 -12.66 -0.75 -2.93
C TYR A 507 -12.00 -0.10 -4.15
N ARG A 508 -12.39 -0.57 -5.34
CA ARG A 508 -11.78 -0.14 -6.59
C ARG A 508 -12.84 0.40 -7.53
N LEU A 509 -12.49 1.46 -8.26
CA LEU A 509 -13.38 2.13 -9.19
C LEU A 509 -12.73 2.22 -10.55
N SER A 510 -13.54 2.06 -11.61
CA SER A 510 -13.07 2.14 -12.99
C SER A 510 -13.34 3.54 -13.50
N GLY A 511 -12.33 4.41 -13.44
CA GLY A 511 -12.42 5.77 -13.93
C GLY A 511 -11.60 5.96 -15.20
N LEU A 512 -11.78 7.14 -15.80
CA LEU A 512 -11.05 7.50 -17.00
C LEU A 512 -9.56 7.72 -16.75
N THR A 513 -9.14 7.83 -15.50
CA THR A 513 -7.73 8.02 -15.16
C THR A 513 -7.08 6.77 -14.60
N GLY A 514 -7.80 5.63 -14.59
CA GLY A 514 -7.25 4.37 -14.13
C GLY A 514 -8.16 3.74 -13.10
N ILE A 515 -7.69 2.63 -12.52
CA ILE A 515 -8.43 1.94 -11.47
C ILE A 515 -8.13 2.64 -10.15
N LEU A 516 -9.13 3.30 -9.58
CA LEU A 516 -8.94 4.15 -8.42
C LEU A 516 -9.17 3.36 -7.14
N SER A 517 -8.20 3.46 -6.22
CA SER A 517 -8.29 2.82 -4.92
C SER A 517 -7.57 3.70 -3.91
N ALA A 518 -7.82 3.45 -2.63
CA ALA A 518 -7.32 4.29 -1.56
C ALA A 518 -6.43 3.49 -0.63
N ASP A 519 -5.38 4.13 -0.12
CA ASP A 519 -4.50 3.55 0.88
C ASP A 519 -4.94 4.01 2.27
N THR A 520 -4.08 3.80 3.27
CA THR A 520 -4.44 4.12 4.65
C THR A 520 -4.58 5.61 4.90
N ASN A 521 -4.06 6.45 4.01
CA ASN A 521 -4.19 7.90 4.12
C ASN A 521 -5.23 8.46 3.15
N CYS A 522 -6.19 7.64 2.76
CA CYS A 522 -7.09 7.94 1.64
C CYS A 522 -6.38 8.73 0.55
N ASN A 523 -5.20 8.26 0.18
CA ASN A 523 -4.48 8.78 -0.98
C ASN A 523 -4.86 7.92 -2.18
N VAL A 524 -5.61 8.52 -3.11
CA VAL A 524 -6.23 7.75 -4.20
C VAL A 524 -5.14 7.20 -5.10
N GLU A 525 -4.91 5.89 -5.02
CA GLU A 525 -3.96 5.22 -5.89
C GLU A 525 -4.62 4.90 -7.24
N ARG A 526 -3.81 4.92 -8.29
N ARG A 526 -3.81 4.92 -8.29
CA ARG A 526 -4.27 4.65 -9.64
CA ARG A 526 -4.27 4.66 -9.64
C ARG A 526 -3.48 3.50 -10.22
C ARG A 526 -3.48 3.51 -10.22
N ASP A 527 -4.19 2.45 -10.63
CA ASP A 527 -3.57 1.31 -11.30
C ASP A 527 -3.55 1.64 -12.79
N MSE A 528 -2.40 2.08 -13.28
CA MSE A 528 -2.31 2.66 -14.61
C MSE A 528 -2.46 1.66 -15.74
O MSE A 528 -2.15 0.47 -15.60
CB MSE A 528 -0.96 3.38 -14.78
CG MSE A 528 -0.59 4.37 -13.67
SE MSE A 528 -1.76 5.92 -13.56
CE MSE A 528 -1.42 6.72 -15.31
H MSE A 528 -1.65 2.04 -12.86
HA MSE A 528 -3.01 3.34 -14.70
HB2 MSE A 528 -0.26 2.72 -14.82
HB3 MSE A 528 -0.97 3.88 -15.61
HG2 MSE A 528 -0.63 3.91 -12.82
HG3 MSE A 528 0.32 4.68 -13.82
HE1 MSE A 528 -1.95 7.53 -15.40
HE2 MSE A 528 -0.48 6.93 -15.38
HE3 MSE A 528 -1.66 6.08 -16.00
N THR A 529 -2.96 2.15 -16.89
CA THR A 529 -2.91 1.40 -18.13
C THR A 529 -1.51 1.51 -18.73
N TRP A 530 -1.04 0.42 -19.32
CA TRP A 530 0.33 0.34 -19.83
C TRP A 530 0.33 0.17 -21.34
N TYR A 531 0.88 1.16 -22.02
CA TYR A 531 1.09 1.12 -23.47
C TYR A 531 2.56 0.89 -23.75
N GLN A 532 2.83 0.40 -24.97
CA GLN A 532 4.20 0.12 -25.38
C GLN A 532 4.42 0.63 -26.79
N TYR A 533 5.55 1.30 -27.00
CA TYR A 533 5.99 1.67 -28.34
C TYR A 533 6.45 0.42 -29.07
N GLN A 534 5.69 0.01 -30.09
CA GLN A 534 6.05 -1.14 -30.93
C GLN A 534 6.27 -0.62 -32.34
N ASP A 535 7.54 -0.45 -32.70
CA ASP A 535 7.91 0.16 -33.97
C ASP A 535 7.30 1.56 -34.07
N GLY A 536 6.19 1.71 -34.81
CA GLY A 536 5.64 3.02 -35.05
C GLY A 536 4.33 3.34 -34.34
N ALA A 537 3.73 2.37 -33.64
CA ALA A 537 2.41 2.53 -33.03
C ALA A 537 2.51 2.45 -31.51
N ILE A 538 1.39 2.78 -30.86
CA ILE A 538 1.27 2.73 -29.41
C ILE A 538 0.19 1.71 -29.09
N VAL A 539 0.59 0.59 -28.50
CA VAL A 539 -0.29 -0.56 -28.27
C VAL A 539 -0.50 -0.72 -26.77
N PRO A 540 -1.74 -0.76 -26.28
CA PRO A 540 -1.96 -1.11 -24.86
C PRO A 540 -1.53 -2.53 -24.59
N VAL A 541 -0.98 -2.76 -23.40
CA VAL A 541 -0.44 -4.06 -22.99
C VAL A 541 -1.18 -4.63 -21.79
N ALA A 542 -1.33 -3.83 -20.74
CA ALA A 542 -1.95 -4.29 -19.50
C ALA A 542 -2.95 -3.27 -19.00
N ASN A 543 -3.90 -3.75 -18.22
CA ASN A 543 -4.98 -2.92 -17.68
C ASN A 543 -5.64 -2.10 -18.78
CL CL B . -6.84 25.51 -6.22
CL CL C . 9.09 -12.28 23.55
#